data_6N9Y
#
_entry.id   6N9Y
#
_cell.length_a   1
_cell.length_b   1
_cell.length_c   1
_cell.angle_alpha   90.00
_cell.angle_beta   90.00
_cell.angle_gamma   90.00
#
_symmetry.space_group_name_H-M   'P 1'
#
_entity_poly.entity_id   1
_entity_poly.type   'polypeptide(L)'
_entity_poly.pdbx_seq_one_letter_code
;MERFLRKYNISGDYANATRTFLAISPQWTCSHLKRNCLFNGMCAKQNFERAMIAATDAEEPAKAYRLVELAKEAMYDRET
VWLQCFKSFSQPYEEDIEGKMKRCGAQLLEDYRKNGMMDEAVKQSALVNSERVRLDDSLSAMPYIYVPIKEGQIVNPTFI
SRYRQIAYYFYSPNLADDWIDPNLFGIRGQHNQIKREIERQVNTCPYTGYKGRVLQVMFLPIQLINFLRMDDFAKHFNRY
ASMAIQQYLRVGYAEEVRYVQQLFGKIPTGEFPLHHMMLMRRDFPTRDRSIVEARVRRSGDENWQSWLLPMIIVREGLDH
QDRWEWLIDYMDRKHTCQLCYLKHSKQIPTCGVIDVRASELTGCSPFKTVKIEEHVGNNSVFETKLVRDEQIGRIGDHYY
TTNCYTGAEALITTAIHIHRWIRGCGIWNDEGWREGIFMLGRVLLRWELTKAQRSALLRLFCFVCYGYAPRADGTIPDWN
NLGSFLDTILKGPELSEDEDERAYATMFEMVRCIITLCYAEKVHFAGFAAPACESGEVINLAARMSQMRMEY
;
_entity_poly.pdbx_strand_id   A
#
# COMPACT_ATOMS: atom_id res chain seq x y z
N MET A 1 -31.07 -19.99 -9.00
CA MET A 1 -31.23 -18.60 -9.43
C MET A 1 -31.10 -18.46 -10.93
N GLU A 2 -30.46 -19.44 -11.57
CA GLU A 2 -29.99 -19.22 -12.92
C GLU A 2 -31.12 -19.33 -13.94
N ARG A 3 -32.08 -20.20 -13.66
CA ARG A 3 -33.24 -20.33 -14.52
C ARG A 3 -34.10 -19.07 -14.49
N PHE A 4 -34.07 -18.36 -13.37
CA PHE A 4 -34.77 -17.08 -13.27
C PHE A 4 -34.17 -16.05 -14.21
N LEU A 5 -32.87 -16.11 -14.43
CA LEU A 5 -32.23 -15.13 -15.29
C LEU A 5 -32.25 -15.57 -16.75
N ARG A 6 -32.04 -16.86 -17.00
CA ARG A 6 -31.95 -17.33 -18.38
C ARG A 6 -33.30 -17.44 -19.05
N LYS A 7 -34.39 -17.57 -18.28
CA LYS A 7 -35.70 -17.66 -18.90
C LYS A 7 -36.17 -16.32 -19.41
N TYR A 8 -36.07 -15.29 -18.58
CA TYR A 8 -36.55 -13.98 -18.97
C TYR A 8 -35.57 -13.21 -19.84
N ASN A 9 -34.38 -13.78 -20.08
CA ASN A 9 -33.25 -13.10 -20.72
C ASN A 9 -32.94 -11.79 -20.01
N ILE A 10 -32.83 -11.87 -18.69
CA ILE A 10 -32.36 -10.74 -17.90
C ILE A 10 -30.92 -10.43 -18.27
N SER A 11 -30.63 -9.17 -18.57
CA SER A 11 -29.30 -8.84 -19.05
C SER A 11 -28.32 -8.78 -17.87
N GLY A 12 -27.04 -8.72 -18.23
CA GLY A 12 -25.98 -8.80 -17.24
C GLY A 12 -25.91 -7.63 -16.29
N ASP A 13 -26.41 -6.47 -16.70
CA ASP A 13 -26.38 -5.30 -15.82
C ASP A 13 -27.34 -5.46 -14.66
N TYR A 14 -28.53 -5.98 -14.93
CA TYR A 14 -29.49 -6.31 -13.89
C TYR A 14 -29.03 -7.50 -13.06
N ALA A 15 -28.33 -8.44 -13.69
CA ALA A 15 -27.94 -9.66 -13.00
C ALA A 15 -26.82 -9.41 -12.01
N ASN A 16 -26.12 -8.28 -12.14
CA ASN A 16 -25.17 -7.89 -11.12
C ASN A 16 -25.88 -7.55 -9.82
N ALA A 17 -27.10 -7.05 -9.91
CA ALA A 17 -27.83 -6.67 -8.72
C ALA A 17 -28.43 -7.87 -8.03
N THR A 18 -28.90 -8.86 -8.78
CA THR A 18 -29.55 -9.99 -8.16
C THR A 18 -28.55 -10.97 -7.58
N ARG A 19 -27.33 -11.01 -8.15
CA ARG A 19 -26.32 -11.92 -7.62
C ARG A 19 -25.81 -11.45 -6.27
N THR A 20 -25.87 -10.15 -6.01
CA THR A 20 -25.55 -9.65 -4.68
C THR A 20 -26.68 -9.93 -3.70
N PHE A 21 -27.92 -9.68 -4.10
CA PHE A 21 -28.97 -9.56 -3.11
C PHE A 21 -29.46 -10.91 -2.62
N LEU A 22 -29.07 -11.99 -3.30
CA LEU A 22 -29.39 -13.32 -2.79
C LEU A 22 -28.63 -13.63 -1.50
N ALA A 23 -27.47 -13.02 -1.32
CA ALA A 23 -26.70 -13.25 -0.10
C ALA A 23 -27.12 -12.31 1.01
N ILE A 24 -27.88 -11.26 0.69
CA ILE A 24 -28.19 -10.23 1.67
C ILE A 24 -29.59 -10.39 2.24
N SER A 25 -30.55 -10.80 1.41
CA SER A 25 -31.94 -10.98 1.85
C SER A 25 -32.19 -11.97 2.98
N PRO A 26 -31.32 -12.96 3.29
CA PRO A 26 -31.49 -13.65 4.58
C PRO A 26 -31.43 -12.77 5.80
N GLN A 27 -30.80 -11.60 5.75
CA GLN A 27 -30.73 -10.76 6.93
C GLN A 27 -31.16 -9.32 6.62
N TRP A 28 -31.68 -9.09 5.43
CA TRP A 28 -32.04 -7.73 5.04
C TRP A 28 -33.24 -7.24 5.83
N THR A 29 -32.97 -6.46 6.87
CA THR A 29 -34.03 -5.86 7.66
C THR A 29 -34.76 -4.79 6.86
N CYS A 30 -36.04 -4.63 7.17
CA CYS A 30 -36.89 -3.64 6.51
C CYS A 30 -38.09 -3.34 7.39
N SER A 31 -38.46 -2.07 7.41
CA SER A 31 -39.70 -1.64 8.03
C SER A 31 -40.55 -1.00 6.95
N HIS A 32 -41.68 -1.65 6.63
CA HIS A 32 -42.37 -1.41 5.37
C HIS A 32 -43.26 -0.18 5.49
N LEU A 33 -42.63 0.95 5.79
CA LEU A 33 -43.36 2.13 6.25
C LEU A 33 -44.04 2.80 5.08
N LYS A 34 -43.43 2.70 3.90
CA LYS A 34 -44.21 2.79 2.69
C LYS A 34 -44.50 1.39 2.21
N ARG A 35 -45.74 1.15 1.81
CA ARG A 35 -46.22 -0.19 1.57
C ARG A 35 -45.90 -0.74 0.18
N ASN A 36 -44.93 -0.17 -0.52
CA ASN A 36 -44.71 -0.61 -1.90
C ASN A 36 -43.94 -1.91 -1.99
N CYS A 37 -43.34 -2.37 -0.88
CA CYS A 37 -42.39 -3.46 -0.98
C CYS A 37 -43.08 -4.81 -0.97
N LEU A 38 -44.31 -4.88 -0.48
CA LEU A 38 -44.99 -6.16 -0.31
C LEU A 38 -45.40 -6.72 -1.66
N PHE A 39 -45.21 -8.02 -1.85
CA PHE A 39 -45.53 -8.61 -3.13
C PHE A 39 -46.54 -9.72 -2.86
N ASN A 40 -47.80 -9.31 -2.65
CA ASN A 40 -49.03 -10.11 -2.65
C ASN A 40 -49.11 -11.01 -1.41
N GLY A 41 -48.02 -11.31 -0.72
CA GLY A 41 -48.15 -12.01 0.54
C GLY A 41 -47.08 -11.71 1.56
N MET A 42 -46.04 -10.99 1.16
CA MET A 42 -44.79 -11.01 1.90
C MET A 42 -43.92 -9.86 1.42
N CYS A 43 -42.84 -9.63 2.14
CA CYS A 43 -41.82 -8.71 1.65
C CYS A 43 -41.01 -9.36 0.54
N ALA A 44 -41.03 -8.75 -0.64
CA ALA A 44 -40.26 -9.30 -1.74
C ALA A 44 -38.77 -9.09 -1.55
N LYS A 45 -38.39 -8.05 -0.80
CA LYS A 45 -36.98 -7.85 -0.50
C LYS A 45 -36.48 -8.92 0.46
N GLN A 46 -37.10 -9.03 1.63
CA GLN A 46 -36.63 -9.89 2.69
C GLN A 46 -36.80 -11.38 2.38
N ASN A 47 -37.59 -11.73 1.38
CA ASN A 47 -37.86 -13.12 1.04
C ASN A 47 -37.53 -13.34 -0.42
N PHE A 48 -36.33 -12.93 -0.82
CA PHE A 48 -36.02 -12.76 -2.23
C PHE A 48 -35.85 -14.09 -2.94
N GLU A 49 -35.54 -15.16 -2.21
CA GLU A 49 -35.37 -16.45 -2.86
C GLU A 49 -36.71 -17.10 -3.17
N ARG A 50 -37.61 -17.16 -2.19
CA ARG A 50 -38.92 -17.77 -2.39
C ARG A 50 -39.77 -17.00 -3.38
N ALA A 51 -39.65 -15.69 -3.39
CA ALA A 51 -40.38 -14.90 -4.36
C ALA A 51 -39.82 -15.09 -5.76
N MET A 52 -38.55 -15.46 -5.87
CA MET A 52 -37.94 -15.68 -7.16
C MET A 52 -38.41 -16.98 -7.80
N ILE A 53 -38.51 -18.05 -7.01
CA ILE A 53 -39.04 -19.30 -7.53
C ILE A 53 -40.54 -19.17 -7.80
N ALA A 54 -41.24 -18.38 -6.99
CA ALA A 54 -42.65 -18.14 -7.22
C ALA A 54 -42.88 -17.34 -8.49
N ALA A 55 -42.00 -16.39 -8.79
CA ALA A 55 -42.11 -15.63 -10.01
C ALA A 55 -41.47 -16.36 -11.18
N THR A 56 -40.90 -17.53 -10.95
CA THR A 56 -40.26 -18.24 -12.04
C THR A 56 -41.29 -18.89 -12.95
N ASP A 57 -42.04 -19.86 -12.45
CA ASP A 57 -42.95 -20.58 -13.32
C ASP A 57 -44.34 -19.96 -13.35
N ALA A 58 -44.54 -18.83 -12.70
CA ALA A 58 -45.76 -18.06 -12.91
C ALA A 58 -45.79 -17.46 -14.31
N GLU A 59 -44.61 -17.24 -14.91
CA GLU A 59 -44.43 -16.76 -16.27
C GLU A 59 -45.08 -15.39 -16.47
N GLU A 60 -44.51 -14.39 -15.81
CA GLU A 60 -45.02 -13.02 -15.88
C GLU A 60 -43.89 -12.09 -16.31
N PRO A 61 -43.99 -11.55 -17.53
CA PRO A 61 -42.85 -10.81 -18.09
C PRO A 61 -42.69 -9.42 -17.49
N ALA A 62 -43.77 -8.84 -16.97
CA ALA A 62 -43.63 -7.59 -16.24
C ALA A 62 -42.96 -7.83 -14.89
N LYS A 63 -43.42 -8.84 -14.17
CA LYS A 63 -43.02 -9.01 -12.78
C LYS A 63 -41.58 -9.50 -12.64
N ALA A 64 -40.96 -9.94 -13.73
CA ALA A 64 -39.53 -10.21 -13.70
C ALA A 64 -38.74 -8.92 -13.50
N TYR A 65 -38.99 -7.92 -14.35
CA TYR A 65 -38.31 -6.65 -14.21
C TYR A 65 -38.81 -5.87 -13.00
N ARG A 66 -39.97 -6.24 -12.47
CA ARG A 66 -40.43 -5.63 -11.23
C ARG A 66 -39.59 -6.08 -10.05
N LEU A 67 -39.20 -7.35 -10.02
CA LEU A 67 -38.48 -7.84 -8.86
C LEU A 67 -37.02 -7.40 -8.88
N VAL A 68 -36.43 -7.27 -10.06
CA VAL A 68 -35.05 -6.79 -10.12
C VAL A 68 -35.00 -5.29 -9.80
N GLU A 69 -35.96 -4.51 -10.33
CA GLU A 69 -36.02 -3.09 -9.98
C GLU A 69 -36.32 -2.89 -8.51
N LEU A 70 -37.08 -3.79 -7.91
CA LEU A 70 -37.26 -3.72 -6.46
C LEU A 70 -35.99 -4.15 -5.75
N ALA A 71 -35.15 -4.93 -6.43
CA ALA A 71 -33.88 -5.32 -5.82
C ALA A 71 -32.81 -4.25 -6.01
N LYS A 72 -32.83 -3.52 -7.11
CA LYS A 72 -31.85 -2.44 -7.27
C LYS A 72 -32.13 -1.28 -6.33
N GLU A 73 -33.40 -0.98 -6.09
CA GLU A 73 -33.76 0.07 -5.13
C GLU A 73 -33.48 -0.39 -3.72
N ALA A 74 -33.39 -1.69 -3.50
CA ALA A 74 -32.95 -2.18 -2.21
C ALA A 74 -31.48 -1.87 -1.98
N MET A 75 -30.69 -1.83 -3.05
CA MET A 75 -29.24 -1.77 -2.92
C MET A 75 -28.69 -0.36 -2.79
N TYR A 76 -29.52 0.69 -2.91
CA TYR A 76 -28.99 2.06 -3.02
C TYR A 76 -28.30 2.52 -1.74
N ASP A 77 -28.78 2.09 -0.58
CA ASP A 77 -28.12 2.41 0.69
C ASP A 77 -26.88 1.51 0.81
N ARG A 78 -25.82 1.88 0.09
CA ARG A 78 -24.66 1.02 -0.07
C ARG A 78 -23.89 0.84 1.22
N GLU A 79 -24.05 1.76 2.17
CA GLU A 79 -23.33 1.71 3.43
C GLU A 79 -23.69 0.47 4.24
N THR A 80 -24.98 0.22 4.45
CA THR A 80 -25.40 -0.96 5.17
C THR A 80 -25.50 -2.18 4.28
N VAL A 81 -25.34 -2.01 2.96
CA VAL A 81 -25.02 -3.17 2.14
C VAL A 81 -23.70 -3.75 2.57
N TRP A 82 -22.72 -2.90 2.84
CA TRP A 82 -21.41 -3.38 3.27
C TRP A 82 -21.44 -4.02 4.65
N LEU A 83 -22.26 -3.50 5.57
CA LEU A 83 -22.37 -4.13 6.89
C LEU A 83 -23.02 -5.51 6.80
N GLN A 84 -23.93 -5.71 5.85
CA GLN A 84 -24.56 -7.01 5.74
C GLN A 84 -23.82 -7.94 4.80
N CYS A 85 -23.10 -7.40 3.82
CA CYS A 85 -22.29 -8.26 2.97
C CYS A 85 -21.11 -8.82 3.75
N PHE A 86 -20.41 -7.99 4.51
CA PHE A 86 -19.21 -8.46 5.20
C PHE A 86 -19.53 -9.39 6.34
N LYS A 87 -20.58 -9.09 7.11
CA LYS A 87 -21.00 -9.96 8.19
C LYS A 87 -21.53 -11.30 7.67
N SER A 88 -22.06 -11.31 6.45
CA SER A 88 -22.44 -12.58 5.83
C SER A 88 -21.24 -13.32 5.26
N PHE A 89 -20.07 -12.71 5.31
CA PHE A 89 -18.89 -13.39 4.81
C PHE A 89 -17.97 -13.83 5.92
N SER A 90 -18.28 -13.49 7.17
CA SER A 90 -17.42 -13.87 8.28
C SER A 90 -17.73 -15.26 8.81
N GLN A 91 -18.96 -15.75 8.66
CA GLN A 91 -19.26 -17.12 9.03
C GLN A 91 -18.66 -18.08 8.00
N PRO A 92 -18.47 -19.35 8.33
CA PRO A 92 -17.95 -20.29 7.32
C PRO A 92 -18.93 -20.48 6.17
N TYR A 93 -18.51 -20.00 5.01
CA TYR A 93 -19.22 -20.21 3.76
C TYR A 93 -19.02 -21.67 3.38
N GLU A 94 -19.92 -22.53 3.88
CA GLU A 94 -19.70 -23.98 3.87
C GLU A 94 -19.92 -24.51 2.46
N GLU A 95 -18.92 -24.26 1.62
CA GLU A 95 -18.90 -24.77 0.25
C GLU A 95 -17.49 -25.19 -0.08
N ASP A 96 -17.32 -25.64 -1.33
CA ASP A 96 -16.00 -25.97 -1.86
C ASP A 96 -15.30 -24.66 -2.20
N ILE A 97 -14.43 -24.23 -1.29
CA ILE A 97 -13.78 -22.94 -1.43
C ILE A 97 -12.74 -22.96 -2.54
N GLU A 98 -11.92 -24.01 -2.58
CA GLU A 98 -10.77 -24.03 -3.48
C GLU A 98 -11.17 -24.15 -4.94
N GLY A 99 -12.06 -25.09 -5.25
CA GLY A 99 -12.48 -25.32 -6.62
C GLY A 99 -13.22 -24.17 -7.25
N LYS A 100 -13.93 -23.38 -6.44
CA LYS A 100 -14.50 -22.15 -6.96
C LYS A 100 -13.41 -21.12 -7.22
N MET A 101 -12.44 -21.04 -6.31
CA MET A 101 -11.34 -20.10 -6.48
C MET A 101 -10.40 -20.55 -7.59
N LYS A 102 -10.36 -21.85 -7.87
CA LYS A 102 -9.47 -22.35 -8.90
C LYS A 102 -9.98 -22.01 -10.30
N ARG A 103 -11.27 -22.21 -10.56
CA ARG A 103 -11.79 -21.93 -11.89
C ARG A 103 -11.86 -20.44 -12.15
N CYS A 104 -12.31 -19.67 -11.16
CA CYS A 104 -12.32 -18.22 -11.33
C CYS A 104 -10.92 -17.66 -11.37
N GLY A 105 -9.98 -18.31 -10.69
CA GLY A 105 -8.58 -17.98 -10.89
C GLY A 105 -8.07 -18.42 -12.24
N ALA A 106 -8.75 -19.35 -12.89
CA ALA A 106 -8.36 -19.75 -14.24
C ALA A 106 -9.04 -18.89 -15.31
N GLN A 107 -10.17 -18.27 -14.97
CA GLN A 107 -10.80 -17.37 -15.94
C GLN A 107 -10.09 -16.03 -15.99
N LEU A 108 -9.39 -15.65 -14.92
CA LEU A 108 -8.64 -14.40 -14.94
C LEU A 108 -7.35 -14.53 -15.74
N LEU A 109 -6.99 -15.74 -16.15
CA LEU A 109 -5.91 -15.87 -17.11
C LEU A 109 -6.33 -15.37 -18.49
N GLU A 110 -7.46 -15.85 -19.00
CA GLU A 110 -7.85 -15.54 -20.37
C GLU A 110 -8.28 -14.09 -20.50
N ASP A 111 -8.81 -13.51 -19.42
CA ASP A 111 -9.19 -12.11 -19.44
C ASP A 111 -7.96 -11.23 -19.52
N TYR A 112 -6.88 -11.63 -18.84
CA TYR A 112 -5.60 -10.97 -18.99
C TYR A 112 -5.05 -11.10 -20.40
N ARG A 113 -5.24 -12.26 -21.02
CA ARG A 113 -4.67 -12.55 -22.33
C ARG A 113 -5.35 -11.77 -23.43
N LYS A 114 -6.69 -11.76 -23.44
CA LYS A 114 -7.42 -11.06 -24.49
C LYS A 114 -7.37 -9.55 -24.27
N ASN A 115 -7.04 -9.11 -23.07
CA ASN A 115 -6.71 -7.72 -22.89
C ASN A 115 -5.33 -7.45 -23.46
N GLY A 116 -5.05 -6.18 -23.73
CA GLY A 116 -3.73 -5.79 -24.16
C GLY A 116 -2.66 -5.76 -23.08
N MET A 117 -2.96 -6.26 -21.88
CA MET A 117 -2.01 -6.25 -20.78
C MET A 117 -0.77 -7.06 -21.09
N MET A 118 -0.92 -8.16 -21.82
CA MET A 118 0.22 -9.03 -22.07
C MET A 118 1.11 -8.43 -23.15
N ASP A 119 0.52 -7.70 -24.09
CA ASP A 119 1.33 -6.96 -25.06
C ASP A 119 2.08 -5.82 -24.39
N GLU A 120 1.47 -5.17 -23.42
CA GLU A 120 2.15 -4.08 -22.73
C GLU A 120 3.25 -4.59 -21.83
N ALA A 121 3.09 -5.79 -21.27
CA ALA A 121 4.01 -6.28 -20.26
C ALA A 121 5.35 -6.70 -20.86
N VAL A 122 5.39 -7.00 -22.15
CA VAL A 122 6.66 -7.32 -22.80
C VAL A 122 7.53 -6.07 -22.89
N LYS A 123 6.90 -4.90 -23.02
CA LYS A 123 7.64 -3.65 -23.16
C LYS A 123 8.15 -3.14 -21.83
N GLN A 124 7.81 -3.82 -20.73
CA GLN A 124 8.04 -3.26 -19.41
C GLN A 124 9.32 -3.78 -18.80
N SER A 125 10.39 -3.84 -19.58
CA SER A 125 11.72 -4.26 -19.14
C SER A 125 12.32 -3.19 -18.22
N ALA A 126 13.63 -3.31 -17.93
CA ALA A 126 14.33 -2.70 -16.79
C ALA A 126 13.64 -3.24 -15.54
N LEU A 127 13.95 -4.50 -15.27
CA LEU A 127 13.20 -5.37 -14.38
C LEU A 127 13.22 -4.93 -12.93
N VAL A 128 12.61 -5.76 -12.09
CA VAL A 128 12.39 -5.44 -10.68
C VAL A 128 13.48 -6.10 -9.85
N ASN A 129 14.72 -6.11 -10.36
CA ASN A 129 15.92 -6.54 -9.64
C ASN A 129 16.00 -5.98 -8.22
N SER A 130 16.77 -6.65 -7.36
CA SER A 130 16.45 -6.93 -5.95
C SER A 130 15.87 -5.76 -5.16
N GLU A 131 16.12 -4.52 -5.55
CA GLU A 131 15.32 -3.42 -5.00
C GLU A 131 13.92 -3.49 -5.61
N ARG A 132 13.08 -4.31 -4.95
CA ARG A 132 11.68 -4.41 -5.33
C ARG A 132 10.79 -3.60 -4.39
N VAL A 133 11.20 -3.48 -3.13
CA VAL A 133 10.43 -2.71 -2.17
C VAL A 133 10.56 -1.24 -2.50
N ARG A 134 9.43 -0.56 -2.59
CA ARG A 134 9.44 0.82 -3.04
C ARG A 134 9.82 1.73 -1.87
N LEU A 135 10.40 2.87 -2.22
CA LEU A 135 10.94 3.80 -1.23
C LEU A 135 9.85 4.46 -0.40
N ASP A 136 10.21 4.88 0.81
CA ASP A 136 9.30 5.62 1.69
C ASP A 136 9.46 7.10 1.39
N ASP A 137 8.41 7.89 1.64
CA ASP A 137 8.49 9.33 1.40
C ASP A 137 8.71 10.12 2.69
N SER A 138 8.30 9.56 3.83
CA SER A 138 8.54 10.24 5.10
C SER A 138 10.00 10.23 5.49
N LEU A 139 10.78 9.34 4.89
CA LEU A 139 12.14 9.12 5.34
C LEU A 139 13.10 9.57 4.26
N SER A 140 14.03 10.46 4.63
CA SER A 140 14.86 11.11 3.62
C SER A 140 16.28 11.36 4.13
N ALA A 141 17.23 11.40 3.19
CA ALA A 141 18.65 11.57 3.49
C ALA A 141 19.23 12.86 2.92
N MET A 142 18.38 13.78 2.48
CA MET A 142 18.80 15.10 2.03
C MET A 142 19.64 15.95 2.99
N PRO A 143 19.57 15.82 4.33
CA PRO A 143 20.47 16.66 5.14
C PRO A 143 21.94 16.28 5.06
N TYR A 144 22.29 15.05 4.73
CA TYR A 144 23.69 14.68 4.89
C TYR A 144 24.57 15.14 3.75
N ILE A 145 24.03 15.82 2.73
CA ILE A 145 24.90 16.23 1.63
C ILE A 145 25.59 17.56 1.91
N TYR A 146 25.16 18.29 2.95
CA TYR A 146 25.65 19.65 3.14
C TYR A 146 27.09 19.67 3.62
N VAL A 147 27.78 20.76 3.32
CA VAL A 147 29.22 20.89 3.57
C VAL A 147 29.46 21.19 5.04
N PRO A 148 30.20 20.37 5.75
CA PRO A 148 30.49 20.67 7.15
C PRO A 148 31.57 21.72 7.28
N ILE A 149 31.17 22.89 7.78
CA ILE A 149 32.13 23.98 7.86
C ILE A 149 32.27 24.47 9.30
N LYS A 150 33.51 24.55 9.76
CA LYS A 150 33.88 25.21 10.99
C LYS A 150 34.18 26.67 10.69
N GLU A 151 34.92 27.32 11.59
CA GLU A 151 35.47 28.65 11.40
C GLU A 151 36.07 28.90 10.02
N GLY A 152 37.13 28.18 9.67
CA GLY A 152 37.81 28.54 8.43
C GLY A 152 37.73 27.62 7.24
N GLN A 153 37.88 26.31 7.43
CA GLN A 153 37.91 25.42 6.28
C GLN A 153 37.26 24.08 6.63
N ILE A 154 37.00 23.31 5.58
CA ILE A 154 36.26 22.05 5.70
C ILE A 154 37.07 21.05 6.52
N VAL A 155 36.38 20.33 7.40
CA VAL A 155 37.02 19.36 8.28
C VAL A 155 37.64 18.22 7.48
N ASN A 156 38.92 17.96 7.73
CA ASN A 156 39.61 16.84 7.11
C ASN A 156 38.98 15.52 7.57
N PRO A 157 38.94 14.50 6.71
CA PRO A 157 38.17 13.29 7.04
C PRO A 157 38.91 12.46 8.06
N THR A 158 38.16 11.64 8.80
CA THR A 158 38.81 10.62 9.61
C THR A 158 38.78 9.27 8.92
N PHE A 159 37.66 8.93 8.29
CA PHE A 159 37.51 7.63 7.65
C PHE A 159 36.85 7.81 6.30
N ILE A 160 37.17 6.91 5.39
CA ILE A 160 36.80 7.05 3.98
C ILE A 160 36.09 5.80 3.51
N SER A 161 34.87 5.96 3.02
CA SER A 161 34.08 4.86 2.50
C SER A 161 33.44 5.33 1.19
N ARG A 162 32.76 4.41 0.52
CA ARG A 162 32.33 4.69 -0.84
C ARG A 162 31.15 3.80 -1.21
N TYR A 163 30.27 4.32 -2.07
CA TYR A 163 29.23 3.53 -2.74
C TYR A 163 29.40 3.88 -4.23
N ARG A 164 28.55 3.29 -5.08
CA ARG A 164 28.65 3.19 -6.56
C ARG A 164 29.06 4.51 -7.22
N GLN A 165 28.33 5.60 -7.01
CA GLN A 165 28.77 6.89 -7.54
C GLN A 165 29.05 7.87 -6.41
N ILE A 166 28.30 7.76 -5.34
CA ILE A 166 28.41 8.71 -4.23
C ILE A 166 29.65 8.36 -3.42
N ALA A 167 30.20 9.35 -2.73
CA ALA A 167 31.38 9.14 -1.91
C ALA A 167 31.00 9.43 -0.47
N TYR A 168 31.55 8.64 0.46
CA TYR A 168 31.25 8.84 1.86
C TYR A 168 32.39 9.59 2.53
N TYR A 169 32.06 10.39 3.54
CA TYR A 169 33.02 11.28 4.17
C TYR A 169 32.70 11.30 5.65
N PHE A 170 33.60 10.75 6.46
CA PHE A 170 33.33 10.61 7.89
C PHE A 170 34.08 11.66 8.70
N TYR A 171 33.31 12.43 9.47
CA TYR A 171 33.89 13.51 10.29
C TYR A 171 33.19 13.52 11.64
N SER A 172 33.85 14.11 12.62
CA SER A 172 33.24 14.26 13.92
C SER A 172 32.39 15.52 13.92
N PRO A 173 31.07 15.41 14.05
CA PRO A 173 30.22 16.59 13.87
C PRO A 173 30.15 17.48 15.10
N ASN A 174 31.08 17.35 16.04
CA ASN A 174 31.20 18.39 17.05
C ASN A 174 31.93 19.60 16.50
N LEU A 175 32.70 19.41 15.42
CA LEU A 175 33.55 20.48 14.91
C LEU A 175 32.79 21.54 14.14
N ALA A 176 32.10 21.17 13.06
CA ALA A 176 31.62 22.09 12.04
C ALA A 176 30.55 23.00 12.62
N ASP A 177 30.82 24.30 12.59
CA ASP A 177 29.95 25.24 13.26
C ASP A 177 28.79 25.67 12.37
N ASP A 178 28.86 25.35 11.10
CA ASP A 178 27.81 25.73 10.17
C ASP A 178 27.77 24.70 9.06
N TRP A 179 26.72 24.76 8.25
CA TRP A 179 26.61 23.93 7.06
C TRP A 179 26.18 24.80 5.88
N ILE A 180 26.73 24.49 4.71
CA ILE A 180 26.63 25.36 3.54
C ILE A 180 26.49 24.51 2.28
N ASP A 181 25.89 25.12 1.25
CA ASP A 181 25.59 24.46 -0.01
C ASP A 181 26.86 23.96 -0.71
N PRO A 182 26.88 22.71 -1.17
CA PRO A 182 27.99 22.25 -2.02
C PRO A 182 28.04 22.90 -3.39
N ASN A 183 27.01 23.63 -3.80
CA ASN A 183 27.09 24.37 -5.04
C ASN A 183 27.64 25.77 -4.83
N LEU A 184 28.38 25.99 -3.74
CA LEU A 184 28.90 27.31 -3.45
C LEU A 184 30.08 27.60 -4.38
N PHE A 185 30.28 28.89 -4.67
CA PHE A 185 31.30 29.28 -5.62
C PHE A 185 32.71 29.09 -5.08
N GLY A 186 32.97 29.54 -3.85
CA GLY A 186 34.32 29.41 -3.31
C GLY A 186 34.71 27.98 -3.00
N ILE A 187 33.72 27.13 -2.71
CA ILE A 187 33.97 25.73 -2.39
C ILE A 187 34.04 24.88 -3.65
N ARG A 188 33.58 25.41 -4.79
CA ARG A 188 33.48 24.65 -6.03
C ARG A 188 34.84 24.15 -6.52
N GLY A 189 35.90 24.93 -6.29
CA GLY A 189 37.24 24.44 -6.58
C GLY A 189 37.70 23.42 -5.56
N GLN A 190 37.42 23.66 -4.28
CA GLN A 190 37.70 22.72 -3.20
C GLN A 190 36.94 21.41 -3.36
N HIS A 191 35.76 21.46 -3.97
CA HIS A 191 34.87 20.31 -4.02
C HIS A 191 35.41 19.24 -4.96
N ASN A 192 36.17 19.64 -5.96
CA ASN A 192 36.68 18.68 -6.92
C ASN A 192 38.02 18.11 -6.47
N GLN A 193 38.62 18.70 -5.43
CA GLN A 193 39.72 18.05 -4.75
C GLN A 193 39.28 16.77 -4.09
N ILE A 194 38.16 16.83 -3.36
CA ILE A 194 37.77 15.74 -2.48
C ILE A 194 37.20 14.59 -3.29
N LYS A 195 36.77 14.85 -4.52
CA LYS A 195 36.45 13.75 -5.43
C LYS A 195 37.71 13.06 -5.89
N ARG A 196 38.75 13.81 -6.18
CA ARG A 196 40.02 13.22 -6.54
C ARG A 196 40.68 12.54 -5.35
N GLU A 197 40.33 12.96 -4.14
CA GLU A 197 40.81 12.28 -2.92
C GLU A 197 40.39 10.82 -2.87
N ILE A 198 39.11 10.53 -3.05
CA ILE A 198 38.56 9.27 -2.57
C ILE A 198 38.97 8.12 -3.49
N GLU A 199 38.99 8.36 -4.79
CA GLU A 199 39.38 7.35 -5.75
C GLU A 199 40.88 7.05 -5.68
N ARG A 200 41.64 7.89 -4.99
CA ARG A 200 43.03 7.57 -4.71
C ARG A 200 43.18 6.75 -3.43
N GLN A 201 42.38 7.06 -2.41
CA GLN A 201 42.34 6.21 -1.22
C GLN A 201 41.61 4.91 -1.50
N VAL A 202 40.32 4.99 -1.84
CA VAL A 202 39.50 3.82 -2.09
C VAL A 202 39.05 3.82 -3.54
N ASN A 203 39.67 2.98 -4.35
CA ASN A 203 39.11 2.68 -5.68
C ASN A 203 38.07 1.59 -5.51
N THR A 204 37.66 0.95 -6.62
CA THR A 204 36.34 0.40 -6.92
C THR A 204 35.50 -0.02 -5.72
N CYS A 205 34.31 0.54 -5.60
CA CYS A 205 33.47 0.65 -4.40
C CYS A 205 33.26 -0.71 -3.76
N PRO A 206 33.20 -0.76 -2.43
CA PRO A 206 33.25 -2.06 -1.75
C PRO A 206 32.00 -2.90 -1.94
N TYR A 207 30.82 -2.29 -2.00
CA TYR A 207 29.60 -3.08 -1.90
C TYR A 207 29.25 -3.75 -3.22
N THR A 208 29.87 -3.35 -4.32
CA THR A 208 29.61 -3.95 -5.61
C THR A 208 30.79 -3.73 -6.54
N GLY A 209 31.00 -4.67 -7.46
CA GLY A 209 32.16 -4.60 -8.31
C GLY A 209 31.92 -3.65 -9.46
N TYR A 210 32.41 -2.41 -9.32
CA TYR A 210 32.19 -1.35 -10.29
C TYR A 210 33.41 -0.45 -10.32
N LYS A 211 34.02 -0.36 -11.50
CA LYS A 211 35.32 0.27 -11.63
C LYS A 211 35.21 1.77 -11.47
N GLY A 212 36.23 2.36 -10.85
CA GLY A 212 36.05 3.58 -10.10
C GLY A 212 35.89 4.82 -10.95
N ARG A 213 34.81 5.56 -10.73
CA ARG A 213 34.63 6.91 -11.26
C ARG A 213 33.67 7.67 -10.36
N VAL A 214 34.17 8.64 -9.60
CA VAL A 214 33.34 9.32 -8.63
C VAL A 214 32.76 10.59 -9.23
N LEU A 215 31.52 10.90 -8.89
CA LEU A 215 30.89 12.14 -9.35
C LEU A 215 30.14 12.90 -8.27
N GLN A 216 29.82 12.30 -7.13
CA GLN A 216 29.15 13.03 -6.06
C GLN A 216 29.79 12.68 -4.72
N VAL A 217 29.34 13.35 -3.67
CA VAL A 217 29.85 13.08 -2.33
C VAL A 217 28.75 13.37 -1.31
N MET A 218 28.77 12.63 -0.21
CA MET A 218 27.93 12.88 0.95
C MET A 218 28.82 12.90 2.18
N PHE A 219 28.50 13.76 3.14
CA PHE A 219 29.29 13.95 4.33
C PHE A 219 28.56 13.37 5.53
N LEU A 220 29.19 12.43 6.21
CA LEU A 220 28.51 11.64 7.23
C LEU A 220 29.22 11.75 8.57
N PRO A 221 28.53 11.52 9.67
CA PRO A 221 29.21 11.53 10.98
C PRO A 221 29.99 10.24 11.24
N ILE A 222 30.71 10.22 12.36
CA ILE A 222 31.65 9.14 12.64
C ILE A 222 30.98 7.91 13.27
N GLN A 223 29.97 8.12 14.13
CA GLN A 223 29.38 6.97 14.83
C GLN A 223 28.57 6.04 13.93
N LEU A 224 28.38 6.41 12.66
CA LEU A 224 27.64 5.59 11.72
C LEU A 224 28.49 4.46 11.13
N ILE A 225 29.83 4.60 11.15
CA ILE A 225 30.69 3.59 10.55
C ILE A 225 30.64 2.29 11.35
N ASN A 226 30.29 2.37 12.63
CA ASN A 226 30.20 1.18 13.44
C ASN A 226 28.97 0.38 13.07
N PHE A 227 28.00 1.04 12.43
CA PHE A 227 26.80 0.33 12.00
C PHE A 227 26.86 0.01 10.52
N LEU A 228 27.58 0.81 9.74
CA LEU A 228 27.55 0.62 8.29
C LEU A 228 28.44 -0.54 7.85
N ARG A 229 29.23 -1.09 8.78
CA ARG A 229 29.86 -2.37 8.52
C ARG A 229 28.85 -3.50 8.50
N MET A 230 27.76 -3.36 9.25
CA MET A 230 26.76 -4.42 9.32
C MET A 230 25.94 -4.46 8.03
N ASP A 231 25.58 -5.68 7.64
CA ASP A 231 25.31 -5.96 6.23
C ASP A 231 23.93 -5.47 5.79
N ASP A 232 22.88 -5.84 6.51
CA ASP A 232 21.54 -5.43 6.10
C ASP A 232 21.29 -3.96 6.37
N PHE A 233 22.08 -3.36 7.28
CA PHE A 233 22.02 -1.93 7.54
C PHE A 233 22.42 -1.13 6.32
N ALA A 234 23.27 -1.69 5.46
CA ALA A 234 23.73 -0.99 4.27
C ALA A 234 22.65 -0.92 3.19
N LYS A 235 21.91 -2.02 3.01
CA LYS A 235 21.02 -2.16 1.87
C LYS A 235 19.85 -1.19 1.94
N HIS A 236 19.33 -0.96 3.13
CA HIS A 236 18.31 0.07 3.27
C HIS A 236 18.90 1.46 3.09
N PHE A 237 20.07 1.68 3.69
CA PHE A 237 20.61 3.02 3.83
C PHE A 237 21.15 3.55 2.50
N ASN A 238 21.87 2.71 1.77
CA ASN A 238 22.56 3.13 0.56
C ASN A 238 21.60 3.60 -0.52
N ARG A 239 20.51 2.87 -0.74
CA ARG A 239 19.57 3.28 -1.76
C ARG A 239 18.73 4.46 -1.29
N TYR A 240 18.74 4.72 0.01
CA TYR A 240 18.15 5.94 0.53
C TYR A 240 19.12 7.11 0.57
N ALA A 241 20.42 6.84 0.67
CA ALA A 241 21.37 7.93 0.50
C ALA A 241 21.53 8.29 -0.96
N SER A 242 21.52 7.30 -1.85
CA SER A 242 21.66 7.60 -3.27
C SER A 242 20.38 8.16 -3.86
N MET A 243 19.27 8.06 -3.14
CA MET A 243 18.06 8.72 -3.61
C MET A 243 18.17 10.22 -3.44
N ALA A 244 18.98 10.66 -2.48
CA ALA A 244 19.13 12.09 -2.21
C ALA A 244 19.82 12.79 -3.37
N ILE A 245 20.83 12.16 -3.96
CA ILE A 245 21.65 12.87 -4.94
C ILE A 245 20.92 13.01 -6.26
N GLN A 246 20.00 12.09 -6.57
CA GLN A 246 19.24 12.26 -7.80
C GLN A 246 18.13 13.27 -7.61
N GLN A 247 17.72 13.49 -6.37
CA GLN A 247 16.97 14.71 -6.09
C GLN A 247 17.86 15.93 -6.25
N TYR A 248 19.12 15.82 -5.82
CA TYR A 248 20.02 16.96 -5.83
C TYR A 248 20.51 17.26 -7.23
N LEU A 249 20.43 16.30 -8.14
CA LEU A 249 21.03 16.49 -9.46
C LEU A 249 20.06 17.19 -10.41
N ARG A 250 18.89 17.58 -9.91
CA ARG A 250 17.95 18.36 -10.68
C ARG A 250 17.79 19.79 -10.18
N VAL A 251 18.59 20.23 -9.19
CA VAL A 251 18.30 21.46 -8.46
C VAL A 251 18.43 22.69 -9.36
N GLY A 252 19.39 22.69 -10.25
CA GLY A 252 19.43 23.80 -11.19
C GLY A 252 18.45 23.71 -12.33
N TYR A 253 17.58 22.71 -12.36
CA TYR A 253 16.77 22.47 -13.54
C TYR A 253 15.33 22.82 -13.23
N ALA A 254 14.49 22.84 -14.28
CA ALA A 254 13.13 23.33 -14.12
C ALA A 254 12.21 22.32 -13.46
N GLU A 255 12.71 21.14 -13.12
CA GLU A 255 11.90 20.11 -12.47
C GLU A 255 11.75 20.34 -10.97
N GLU A 256 12.68 21.07 -10.35
CA GLU A 256 13.09 20.80 -8.97
C GLU A 256 12.00 21.06 -7.95
N VAL A 257 11.07 21.97 -8.26
CA VAL A 257 10.03 22.42 -7.33
C VAL A 257 9.15 21.26 -6.88
N ARG A 258 8.98 20.26 -7.74
CA ARG A 258 8.19 19.07 -7.40
C ARG A 258 8.83 18.27 -6.27
N TYR A 259 10.16 18.10 -6.28
CA TYR A 259 10.82 17.39 -5.18
C TYR A 259 10.78 18.20 -3.90
N VAL A 260 10.91 19.51 -4.01
CA VAL A 260 10.80 20.39 -2.85
C VAL A 260 9.37 20.36 -2.31
N GLN A 261 8.39 20.22 -3.19
CA GLN A 261 7.01 20.30 -2.76
C GLN A 261 6.59 19.03 -2.03
N GLN A 262 6.78 17.86 -2.63
CA GLN A 262 6.25 16.62 -2.07
C GLN A 262 6.96 16.21 -0.80
N LEU A 263 8.18 16.68 -0.61
CA LEU A 263 8.93 16.30 0.56
C LEU A 263 8.63 17.21 1.72
N PHE A 264 8.23 18.45 1.42
CA PHE A 264 8.10 19.49 2.43
C PHE A 264 6.68 20.04 2.49
N GLY A 265 6.09 20.30 1.33
CA GLY A 265 4.84 21.06 1.37
C GLY A 265 5.06 22.46 0.87
N LYS A 266 5.17 23.39 1.82
CA LYS A 266 5.40 24.80 1.52
C LYS A 266 6.71 25.01 0.77
N ILE A 267 6.71 26.01 -0.12
CA ILE A 267 7.85 26.29 -0.98
C ILE A 267 8.34 27.69 -0.67
N PRO A 268 9.65 27.91 -0.48
CA PRO A 268 10.14 29.28 -0.37
C PRO A 268 10.07 29.97 -1.71
N THR A 269 9.92 31.29 -1.67
CA THR A 269 10.12 32.07 -2.87
C THR A 269 11.60 32.39 -3.03
N GLY A 270 12.02 32.56 -4.26
CA GLY A 270 13.38 32.94 -4.54
C GLY A 270 14.22 31.78 -5.02
N GLU A 271 15.44 32.14 -5.43
CA GLU A 271 16.37 31.17 -5.99
C GLU A 271 16.89 30.23 -4.91
N PHE A 272 17.20 29.01 -5.34
CA PHE A 272 17.51 27.86 -4.50
C PHE A 272 16.46 27.65 -3.41
N PRO A 273 15.23 27.21 -3.76
CA PRO A 273 14.24 27.01 -2.71
C PRO A 273 14.51 25.78 -1.87
N LEU A 274 15.27 24.83 -2.40
CA LEU A 274 15.58 23.62 -1.64
C LEU A 274 16.52 23.90 -0.48
N HIS A 275 17.63 24.58 -0.74
CA HIS A 275 18.59 24.85 0.32
C HIS A 275 18.05 25.88 1.29
N HIS A 276 17.35 26.90 0.79
CA HIS A 276 16.92 27.96 1.68
C HIS A 276 15.61 27.58 2.36
N MET A 277 15.17 26.34 2.19
CA MET A 277 14.24 25.73 3.13
C MET A 277 14.96 24.86 4.15
N MET A 278 15.92 24.04 3.69
CA MET A 278 16.56 23.11 4.60
C MET A 278 17.58 23.75 5.52
N LEU A 279 17.93 24.99 5.28
CA LEU A 279 19.00 25.65 6.02
C LEU A 279 18.53 27.05 6.39
N MET A 280 17.79 27.15 7.48
CA MET A 280 17.34 28.44 8.00
C MET A 280 17.28 28.34 9.51
N ARG A 281 17.54 29.47 10.16
CA ARG A 281 17.36 29.55 11.60
C ARG A 281 15.90 29.33 11.96
N ARG A 282 15.63 28.25 12.69
CA ARG A 282 14.28 27.87 13.05
C ARG A 282 14.15 27.82 14.56
N ASP A 283 12.90 27.84 15.03
CA ASP A 283 12.62 27.91 16.46
C ASP A 283 13.06 26.64 17.18
N PHE A 284 13.87 26.81 18.22
CA PHE A 284 14.33 25.70 19.04
C PHE A 284 14.56 26.19 20.45
N PRO A 285 14.50 25.30 21.44
CA PRO A 285 14.99 25.68 22.77
C PRO A 285 16.50 25.50 22.94
N THR A 286 17.13 24.56 22.23
CA THR A 286 18.51 24.23 22.57
C THR A 286 19.54 25.00 21.76
N ARG A 287 19.56 24.80 20.44
CA ARG A 287 20.52 25.50 19.60
C ARG A 287 19.81 26.10 18.39
N ASP A 288 19.54 27.39 18.49
CA ASP A 288 18.56 28.11 17.67
C ASP A 288 19.14 28.33 16.29
N ARG A 289 19.23 27.26 15.50
CA ARG A 289 19.86 27.36 14.18
C ARG A 289 19.23 26.28 13.29
N SER A 290 19.90 25.96 12.18
CA SER A 290 19.26 25.26 11.07
C SER A 290 18.93 23.81 11.39
N ILE A 291 17.99 23.25 10.61
CA ILE A 291 17.41 21.97 10.96
C ILE A 291 18.34 20.83 10.60
N VAL A 292 19.33 21.07 9.75
CA VAL A 292 20.34 20.05 9.53
C VAL A 292 21.23 19.95 10.77
N GLU A 293 21.41 21.07 11.48
CA GLU A 293 22.15 21.01 12.73
C GLU A 293 21.32 20.33 13.81
N ALA A 294 19.99 20.34 13.65
CA ALA A 294 19.14 19.60 14.58
C ALA A 294 19.26 18.10 14.37
N ARG A 295 19.64 17.67 13.17
CA ARG A 295 19.78 16.25 12.93
C ARG A 295 21.22 15.79 13.08
N VAL A 296 22.17 16.51 12.50
CA VAL A 296 23.55 16.02 12.43
C VAL A 296 24.19 15.97 13.81
N ARG A 297 23.84 16.91 14.67
CA ARG A 297 24.34 16.93 16.03
C ARG A 297 23.77 15.79 16.87
N ARG A 298 22.57 15.31 16.54
CA ARG A 298 21.94 14.26 17.33
C ARG A 298 22.24 12.89 16.74
N SER A 299 22.60 11.96 17.62
CA SER A 299 23.08 10.65 17.20
C SER A 299 21.92 9.73 16.81
N GLY A 300 22.27 8.54 16.34
CA GLY A 300 21.30 7.52 16.03
C GLY A 300 21.49 6.27 16.89
N ASP A 301 20.77 5.22 16.51
CA ASP A 301 20.85 3.94 17.22
C ASP A 301 20.98 2.83 16.18
N GLU A 302 20.76 1.60 16.62
CA GLU A 302 20.91 0.45 15.73
C GLU A 302 19.86 0.42 14.62
N ASN A 303 18.67 0.95 14.87
CA ASN A 303 17.65 0.99 13.84
C ASN A 303 18.02 1.97 12.76
N TRP A 304 17.94 1.52 11.50
CA TRP A 304 18.43 2.35 10.41
C TRP A 304 17.49 3.49 10.11
N GLN A 305 16.25 3.42 10.56
CA GLN A 305 15.33 4.49 10.23
C GLN A 305 15.49 5.69 11.15
N SER A 306 16.37 5.59 12.15
CA SER A 306 16.56 6.70 13.07
C SER A 306 17.59 7.69 12.56
N TRP A 307 18.49 7.27 11.66
CA TRP A 307 19.49 8.20 11.16
C TRP A 307 18.88 9.16 10.16
N LEU A 308 17.96 8.68 9.33
CA LEU A 308 17.39 9.51 8.28
C LEU A 308 16.38 10.47 8.86
N LEU A 309 15.93 11.41 8.06
CA LEU A 309 15.16 12.51 8.60
C LEU A 309 13.67 12.27 8.40
N PRO A 310 12.85 12.43 9.44
CA PRO A 310 11.40 12.20 9.31
C PRO A 310 10.66 13.47 8.91
N MET A 311 9.79 13.36 7.92
CA MET A 311 9.13 14.55 7.41
C MET A 311 7.83 14.86 8.14
N ILE A 312 7.22 13.85 8.78
CA ILE A 312 5.86 14.03 9.27
C ILE A 312 5.85 14.90 10.51
N ILE A 313 6.80 14.68 11.40
CA ILE A 313 6.97 15.54 12.57
C ILE A 313 7.50 16.92 12.15
N VAL A 314 8.16 17.00 10.98
CA VAL A 314 8.63 18.29 10.47
C VAL A 314 7.48 19.17 10.04
N ARG A 315 6.52 18.63 9.29
CA ARG A 315 5.43 19.45 8.76
C ARG A 315 4.48 19.89 9.86
N GLU A 316 4.56 19.28 11.03
CA GLU A 316 3.96 19.88 12.21
C GLU A 316 4.63 21.21 12.57
N GLY A 317 5.96 21.25 12.62
CA GLY A 317 6.66 22.47 12.99
C GLY A 317 6.53 23.59 11.98
N LEU A 318 6.29 23.23 10.72
CA LEU A 318 6.13 24.23 9.68
C LEU A 318 4.82 24.98 9.78
N ASP A 319 3.86 24.48 10.53
CA ASP A 319 2.56 25.11 10.59
C ASP A 319 2.10 25.46 12.00
N HIS A 320 2.82 25.02 13.02
CA HIS A 320 2.53 25.42 14.39
C HIS A 320 3.85 25.68 15.07
N GLN A 321 3.86 26.63 16.00
CA GLN A 321 5.13 26.98 16.61
C GLN A 321 5.31 26.31 17.95
N ASP A 322 4.32 25.54 18.38
CA ASP A 322 4.53 24.58 19.45
C ASP A 322 5.47 23.47 19.01
N ARG A 323 5.25 22.96 17.80
CA ARG A 323 5.65 21.61 17.42
C ARG A 323 7.15 21.41 17.35
N TRP A 324 7.92 22.50 17.35
CA TRP A 324 9.37 22.41 17.25
C TRP A 324 9.99 21.79 18.50
N GLU A 325 9.28 21.83 19.62
CA GLU A 325 9.66 21.02 20.76
C GLU A 325 9.56 19.54 20.45
N TRP A 326 8.57 19.14 19.65
CA TRP A 326 8.35 17.72 19.41
C TRP A 326 9.33 17.17 18.39
N LEU A 327 9.93 18.05 17.60
CA LEU A 327 10.92 17.60 16.63
C LEU A 327 12.19 17.13 17.32
N ILE A 328 12.56 17.80 18.40
CA ILE A 328 13.83 17.48 19.04
C ILE A 328 13.63 16.36 20.06
N ASP A 329 12.39 16.10 20.46
CA ASP A 329 12.14 15.00 21.39
C ASP A 329 12.26 13.66 20.68
N TYR A 330 11.83 13.59 19.42
CA TYR A 330 11.89 12.34 18.68
C TYR A 330 13.32 11.97 18.34
N MET A 331 14.19 12.94 18.16
CA MET A 331 15.55 12.64 17.75
C MET A 331 16.38 12.12 18.91
N ASP A 332 15.91 12.29 20.14
CA ASP A 332 16.60 11.75 21.30
C ASP A 332 16.19 10.31 21.59
N ARG A 333 14.89 10.03 21.57
CA ARG A 333 14.40 8.72 21.99
C ARG A 333 14.57 7.68 20.89
N LYS A 334 14.65 8.12 19.64
CA LYS A 334 15.04 7.31 18.48
C LYS A 334 14.06 6.16 18.23
N HIS A 335 12.79 6.50 18.05
CA HIS A 335 11.83 5.50 17.64
C HIS A 335 11.96 5.25 16.13
N THR A 336 11.48 4.10 15.68
CA THR A 336 11.78 3.71 14.30
C THR A 336 10.72 4.22 13.32
N CYS A 337 9.46 3.81 13.45
CA CYS A 337 8.43 4.28 12.53
C CYS A 337 7.83 5.55 13.11
N GLN A 338 7.30 6.39 12.23
CA GLN A 338 7.07 7.77 12.63
C GLN A 338 5.65 7.99 13.14
N LEU A 339 4.65 7.38 12.51
CA LEU A 339 3.24 7.66 12.85
C LEU A 339 2.88 7.16 14.24
N CYS A 340 3.56 6.13 14.73
CA CYS A 340 3.26 5.56 16.04
C CYS A 340 3.56 6.55 17.14
N TYR A 341 4.58 7.39 16.97
CA TYR A 341 4.95 8.38 17.96
C TYR A 341 3.83 9.39 18.18
N LEU A 342 3.04 9.68 17.14
CA LEU A 342 1.93 10.60 17.30
C LEU A 342 0.83 10.00 18.16
N LYS A 343 0.49 8.73 17.92
CA LYS A 343 -0.56 8.04 18.66
C LYS A 343 -0.22 7.95 20.14
N HIS A 344 1.06 7.85 20.47
CA HIS A 344 1.51 7.85 21.85
C HIS A 344 1.93 9.23 22.33
N SER A 345 1.78 10.27 21.50
CA SER A 345 1.92 11.63 21.97
C SER A 345 0.60 12.25 22.38
N LYS A 346 -0.43 11.42 22.60
CA LYS A 346 -1.79 11.83 22.95
C LYS A 346 -2.38 12.76 21.89
N GLN A 347 -2.24 12.36 20.63
CA GLN A 347 -2.57 13.19 19.50
C GLN A 347 -3.74 12.58 18.76
N ILE A 348 -4.57 13.45 18.17
CA ILE A 348 -5.63 13.02 17.27
C ILE A 348 -5.04 12.27 16.08
N PRO A 349 -5.74 11.31 15.49
CA PRO A 349 -5.12 10.51 14.43
C PRO A 349 -4.94 11.23 13.10
N THR A 350 -5.40 12.47 13.00
CA THR A 350 -5.33 13.18 11.73
C THR A 350 -3.94 13.78 11.53
N CYS A 351 -3.37 13.58 10.34
CA CYS A 351 -2.11 14.16 9.93
C CYS A 351 -2.09 14.19 8.41
N GLY A 352 -1.02 14.77 7.84
CA GLY A 352 -0.99 14.96 6.39
C GLY A 352 0.06 14.13 5.67
N VAL A 353 -0.29 13.71 4.44
CA VAL A 353 0.59 12.98 3.52
C VAL A 353 0.36 13.56 2.13
N ILE A 354 1.45 13.79 1.36
CA ILE A 354 1.34 14.53 0.11
C ILE A 354 1.72 13.62 -1.06
N ASP A 355 1.05 13.81 -2.19
CA ASP A 355 1.26 13.00 -3.40
C ASP A 355 1.37 13.86 -4.65
N VAL A 356 2.33 14.79 -4.69
CA VAL A 356 2.53 15.71 -5.81
C VAL A 356 2.75 14.96 -7.13
N ARG A 357 3.33 13.76 -7.06
CA ARG A 357 3.68 12.99 -8.26
C ARG A 357 2.46 12.65 -9.11
N ALA A 358 1.48 11.95 -8.56
CA ALA A 358 0.35 11.54 -9.39
C ALA A 358 -0.71 12.61 -9.49
N SER A 359 -0.72 13.56 -8.54
CA SER A 359 -1.76 14.58 -8.54
C SER A 359 -1.57 15.56 -9.69
N GLU A 360 -0.33 15.80 -10.09
CA GLU A 360 -0.10 16.58 -11.29
C GLU A 360 -0.52 15.82 -12.53
N LEU A 361 -0.51 14.50 -12.47
CA LEU A 361 -0.96 13.71 -13.61
C LEU A 361 -2.47 13.67 -13.70
N THR A 362 -3.15 13.12 -12.70
CA THR A 362 -4.60 13.01 -12.75
C THR A 362 -5.28 13.70 -11.59
N GLY A 363 -4.79 13.45 -10.38
CA GLY A 363 -5.49 13.69 -9.13
C GLY A 363 -5.98 15.09 -8.84
N CYS A 364 -6.91 15.20 -7.88
CA CYS A 364 -7.46 16.50 -7.55
C CYS A 364 -6.47 17.34 -6.77
N SER A 365 -6.09 16.89 -5.59
CA SER A 365 -5.11 17.62 -4.80
C SER A 365 -4.09 16.62 -4.29
N PRO A 366 -2.83 16.98 -4.22
CA PRO A 366 -1.84 16.13 -3.56
C PRO A 366 -2.02 16.11 -2.04
N PHE A 367 -2.65 17.15 -1.53
CA PHE A 367 -2.77 17.30 -0.08
C PHE A 367 -4.04 16.65 0.42
N LYS A 368 -3.92 15.98 1.57
CA LYS A 368 -5.01 15.22 2.15
C LYS A 368 -4.68 14.94 3.61
N THR A 369 -5.72 14.68 4.38
CA THR A 369 -5.54 14.27 5.77
C THR A 369 -6.09 12.86 5.93
N VAL A 370 -5.43 12.08 6.78
CA VAL A 370 -5.71 10.65 6.88
C VAL A 370 -6.05 10.29 8.32
N LYS A 371 -6.69 9.14 8.49
CA LYS A 371 -6.82 8.53 9.81
C LYS A 371 -5.90 7.34 9.92
N ILE A 372 -5.01 7.37 10.90
CA ILE A 372 -3.97 6.36 11.03
C ILE A 372 -4.57 5.07 11.55
N GLU A 373 -3.89 3.95 11.28
CA GLU A 373 -4.15 2.68 11.93
C GLU A 373 -2.81 2.06 12.34
N GLU A 374 -2.90 0.95 13.08
CA GLU A 374 -1.78 0.55 13.94
C GLU A 374 -0.63 -0.06 13.15
N HIS A 375 0.55 -0.03 13.78
CA HIS A 375 1.80 -0.49 13.19
C HIS A 375 1.77 -1.99 13.06
N VAL A 376 1.50 -2.45 11.85
CA VAL A 376 1.41 -3.88 11.56
C VAL A 376 2.43 -4.22 10.49
N GLY A 377 3.33 -5.14 10.81
CA GLY A 377 4.29 -5.58 9.83
C GLY A 377 4.19 -7.06 9.50
N ASN A 378 3.80 -7.87 10.49
CA ASN A 378 3.84 -9.32 10.31
C ASN A 378 2.53 -9.84 9.74
N ASN A 379 1.40 -9.40 10.28
CA ASN A 379 0.11 -9.98 9.94
C ASN A 379 -0.36 -9.34 8.63
N SER A 380 -0.51 -10.18 7.59
CA SER A 380 -1.15 -9.69 6.36
C SER A 380 -2.66 -9.60 6.54
N VAL A 381 -3.18 -10.20 7.61
CA VAL A 381 -4.55 -9.95 8.03
C VAL A 381 -4.69 -8.49 8.41
N PHE A 382 -5.43 -7.74 7.62
CA PHE A 382 -5.62 -6.31 7.86
C PHE A 382 -6.43 -6.06 9.14
N GLU A 383 -7.28 -7.02 9.52
CA GLU A 383 -7.89 -7.18 10.86
C GLU A 383 -8.57 -5.91 11.39
N THR A 384 -9.13 -5.13 10.47
CA THR A 384 -9.72 -3.86 10.84
C THR A 384 -11.03 -3.68 10.10
N LYS A 385 -12.11 -3.51 10.85
CA LYS A 385 -13.41 -3.24 10.24
C LYS A 385 -13.46 -1.81 9.71
N LEU A 386 -14.14 -1.64 8.60
CA LEU A 386 -14.21 -0.35 7.94
C LEU A 386 -15.67 0.05 7.78
N VAL A 387 -15.91 1.35 7.74
CA VAL A 387 -17.25 1.89 7.69
C VAL A 387 -17.13 3.32 7.17
N ARG A 388 -18.22 3.85 6.59
CA ARG A 388 -18.39 5.29 6.36
C ARG A 388 -17.36 5.86 5.39
N ASP A 389 -17.38 5.36 4.15
CA ASP A 389 -16.63 5.89 3.02
C ASP A 389 -15.12 5.91 3.25
N GLU A 390 -14.53 4.76 3.57
CA GLU A 390 -13.14 4.72 3.94
C GLU A 390 -12.40 3.65 3.15
N GLN A 391 -11.08 3.72 3.19
CA GLN A 391 -10.24 2.91 2.32
C GLN A 391 -8.84 2.77 2.90
N ILE A 392 -8.30 1.56 2.80
CA ILE A 392 -6.94 1.23 3.25
C ILE A 392 -5.92 2.09 2.53
N GLY A 393 -4.94 2.60 3.28
CA GLY A 393 -3.77 3.20 2.69
C GLY A 393 -2.56 2.85 3.52
N ARG A 394 -1.39 2.81 2.87
CA ARG A 394 -0.18 2.37 3.54
C ARG A 394 0.97 3.28 3.18
N ILE A 395 1.59 3.87 4.20
CA ILE A 395 2.87 4.56 4.09
C ILE A 395 3.73 4.07 5.23
N GLY A 396 4.89 3.50 4.92
CA GLY A 396 5.64 2.87 5.96
C GLY A 396 5.06 1.50 6.22
N ASP A 397 5.09 1.10 7.49
CA ASP A 397 4.43 -0.15 7.86
C ASP A 397 3.11 0.12 8.56
N HIS A 398 2.87 1.35 9.00
CA HIS A 398 1.55 1.74 9.44
C HIS A 398 0.56 1.73 8.29
N TYR A 399 -0.61 1.17 8.54
CA TYR A 399 -1.74 1.31 7.65
C TYR A 399 -2.46 2.59 8.02
N TYR A 400 -3.18 3.16 7.05
CA TYR A 400 -4.02 4.28 7.41
C TYR A 400 -5.29 4.22 6.58
N THR A 401 -6.33 4.87 7.08
CA THR A 401 -7.60 4.92 6.38
C THR A 401 -8.01 6.35 6.08
N THR A 402 -8.60 6.54 4.91
CA THR A 402 -8.85 7.86 4.35
C THR A 402 -10.33 8.02 4.06
N ASN A 403 -10.91 9.11 4.55
CA ASN A 403 -12.26 9.45 4.15
C ASN A 403 -12.28 9.86 2.69
N CYS A 404 -13.09 9.16 1.90
CA CYS A 404 -13.09 9.36 0.47
C CYS A 404 -14.46 8.98 -0.06
N TYR A 405 -15.04 9.87 -0.86
CA TYR A 405 -16.44 9.77 -1.19
C TYR A 405 -16.56 9.41 -2.66
N THR A 406 -17.77 8.96 -3.07
CA THR A 406 -18.22 8.92 -4.46
C THR A 406 -17.30 8.12 -5.37
N GLY A 407 -17.28 6.80 -5.21
CA GLY A 407 -16.12 5.94 -5.42
C GLY A 407 -15.41 5.98 -6.76
N ALA A 408 -15.85 6.80 -7.71
CA ALA A 408 -14.94 7.13 -8.81
C ALA A 408 -13.74 7.90 -8.29
N GLU A 409 -13.93 8.72 -7.26
CA GLU A 409 -12.81 9.32 -6.57
C GLU A 409 -11.97 8.26 -5.86
N ALA A 410 -12.63 7.27 -5.24
CA ALA A 410 -11.88 6.23 -4.55
C ALA A 410 -11.59 5.04 -5.46
N LEU A 411 -11.97 5.12 -6.73
CA LEU A 411 -11.41 4.18 -7.70
C LEU A 411 -9.94 4.43 -7.91
N ILE A 412 -9.58 5.68 -8.21
CA ILE A 412 -8.24 6.02 -8.68
C ILE A 412 -7.23 5.84 -7.56
N THR A 413 -7.67 6.09 -6.32
CA THR A 413 -6.82 5.91 -5.15
C THR A 413 -6.40 4.46 -4.99
N THR A 414 -7.30 3.54 -5.32
CA THR A 414 -6.97 2.13 -5.29
C THR A 414 -5.99 1.76 -6.39
N ALA A 415 -6.12 2.37 -7.57
CA ALA A 415 -5.19 2.12 -8.66
C ALA A 415 -3.79 2.62 -8.33
N ILE A 416 -3.70 3.67 -7.51
CA ILE A 416 -2.40 4.17 -7.09
C ILE A 416 -1.81 3.28 -6.00
N HIS A 417 -2.62 2.90 -5.01
CA HIS A 417 -2.12 2.08 -3.90
C HIS A 417 -1.72 0.69 -4.36
N ILE A 418 -2.40 0.15 -5.37
CA ILE A 418 -1.95 -1.08 -6.00
C ILE A 418 -0.63 -0.86 -6.70
N HIS A 419 -0.45 0.32 -7.31
CA HIS A 419 0.76 0.57 -8.08
C HIS A 419 1.99 0.66 -7.20
N ARG A 420 1.81 1.00 -5.92
CA ARG A 420 2.96 1.04 -5.04
C ARG A 420 3.34 -0.34 -4.54
N TRP A 421 2.39 -1.08 -3.96
CA TRP A 421 2.71 -2.16 -3.02
C TRP A 421 2.56 -3.56 -3.58
N ILE A 422 1.92 -3.74 -4.74
CA ILE A 422 1.71 -5.08 -5.27
C ILE A 422 2.90 -5.50 -6.13
N ARG A 423 3.92 -4.66 -6.22
CA ARG A 423 5.03 -4.95 -7.11
C ARG A 423 5.94 -6.00 -6.51
N GLY A 424 6.55 -6.77 -7.39
CA GLY A 424 7.48 -7.81 -7.01
C GLY A 424 6.84 -9.14 -6.72
N CYS A 425 5.56 -9.17 -6.39
CA CYS A 425 4.86 -10.39 -6.05
C CYS A 425 3.76 -10.68 -7.06
N GLY A 426 3.23 -11.89 -6.99
CA GLY A 426 2.41 -12.43 -8.06
C GLY A 426 1.78 -13.75 -7.71
N ILE A 427 1.92 -14.72 -8.62
CA ILE A 427 1.38 -16.06 -8.45
C ILE A 427 2.08 -16.81 -7.32
N TRP A 428 3.30 -16.40 -6.95
CA TRP A 428 4.04 -17.17 -5.96
C TRP A 428 3.99 -16.59 -4.55
N ASN A 429 4.27 -15.31 -4.33
CA ASN A 429 4.16 -14.72 -3.00
C ASN A 429 2.75 -14.17 -2.86
N ASP A 430 1.93 -14.87 -2.10
CA ASP A 430 0.51 -14.55 -2.06
C ASP A 430 0.19 -13.34 -1.19
N GLU A 431 1.22 -12.71 -0.62
CA GLU A 431 1.02 -11.57 0.29
C GLU A 431 0.45 -10.36 -0.42
N GLY A 432 0.60 -10.30 -1.75
CA GLY A 432 -0.07 -9.27 -2.51
C GLY A 432 -1.46 -9.62 -2.95
N TRP A 433 -1.87 -10.88 -2.78
CA TRP A 433 -3.22 -11.21 -3.18
C TRP A 433 -4.22 -10.74 -2.15
N ARG A 434 -4.15 -11.32 -0.96
CA ARG A 434 -5.26 -11.26 -0.01
C ARG A 434 -5.46 -9.85 0.53
N GLU A 435 -4.43 -9.03 0.53
CA GLU A 435 -4.62 -7.62 0.86
C GLU A 435 -5.07 -6.82 -0.36
N GLY A 436 -4.55 -7.16 -1.54
CA GLY A 436 -4.91 -6.42 -2.73
C GLY A 436 -6.34 -6.68 -3.17
N ILE A 437 -6.77 -7.94 -3.16
CA ILE A 437 -8.12 -8.28 -3.60
C ILE A 437 -9.14 -7.75 -2.59
N PHE A 438 -8.76 -7.67 -1.32
CA PHE A 438 -9.62 -7.08 -0.30
C PHE A 438 -9.87 -5.60 -0.55
N MET A 439 -8.88 -4.88 -1.09
CA MET A 439 -9.11 -3.51 -1.51
C MET A 439 -10.02 -3.46 -2.73
N LEU A 440 -9.84 -4.40 -3.65
CA LEU A 440 -10.67 -4.45 -4.83
C LEU A 440 -12.11 -4.83 -4.49
N GLY A 441 -12.29 -5.54 -3.38
CA GLY A 441 -13.64 -5.89 -2.97
C GLY A 441 -14.44 -4.73 -2.44
N ARG A 442 -13.87 -3.95 -1.52
CA ARG A 442 -14.59 -2.89 -0.82
C ARG A 442 -15.13 -1.82 -1.75
N VAL A 443 -14.32 -1.36 -2.71
CA VAL A 443 -14.75 -0.39 -3.71
C VAL A 443 -15.89 -0.96 -4.55
N LEU A 444 -15.86 -2.26 -4.79
CA LEU A 444 -16.90 -2.89 -5.60
C LEU A 444 -18.20 -3.04 -4.80
N LEU A 445 -18.14 -2.92 -3.49
CA LEU A 445 -19.36 -3.10 -2.72
C LEU A 445 -19.79 -1.84 -1.97
N ARG A 446 -18.85 -1.10 -1.38
CA ARG A 446 -19.20 0.10 -0.64
C ARG A 446 -19.63 1.26 -1.53
N TRP A 447 -19.16 1.34 -2.77
CA TRP A 447 -19.51 2.46 -3.64
C TRP A 447 -20.19 1.99 -4.90
N GLU A 448 -20.82 2.93 -5.59
CA GLU A 448 -21.51 2.59 -6.84
C GLU A 448 -20.62 2.88 -8.03
N LEU A 449 -20.52 1.91 -8.93
CA LEU A 449 -19.74 2.03 -10.15
C LEU A 449 -20.64 2.27 -11.35
N THR A 450 -20.07 2.74 -12.44
CA THR A 450 -20.80 2.73 -13.69
C THR A 450 -20.40 1.52 -14.52
N LYS A 451 -20.86 1.53 -15.78
CA LYS A 451 -20.58 0.41 -16.68
C LYS A 451 -19.10 0.28 -17.00
N ALA A 452 -18.44 1.39 -17.33
CA ALA A 452 -17.05 1.32 -17.76
C ALA A 452 -16.11 1.05 -16.60
N GLN A 453 -16.55 1.34 -15.37
CA GLN A 453 -15.69 1.05 -14.22
C GLN A 453 -15.71 -0.43 -13.88
N ARG A 454 -16.68 -1.18 -14.40
CA ARG A 454 -16.57 -2.63 -14.32
C ARG A 454 -15.50 -3.12 -15.28
N SER A 455 -15.23 -2.38 -16.35
CA SER A 455 -14.11 -2.76 -17.20
C SER A 455 -12.79 -2.38 -16.56
N ALA A 456 -12.82 -1.46 -15.60
CA ALA A 456 -11.58 -1.05 -14.95
C ALA A 456 -11.10 -2.09 -13.95
N LEU A 457 -11.99 -2.63 -13.12
CA LEU A 457 -11.56 -3.54 -12.06
C LEU A 457 -11.16 -4.90 -12.60
N LEU A 458 -11.78 -5.35 -13.70
CA LEU A 458 -11.34 -6.60 -14.32
C LEU A 458 -9.92 -6.49 -14.85
N ARG A 459 -9.49 -5.28 -15.19
CA ARG A 459 -8.10 -5.10 -15.51
C ARG A 459 -7.23 -5.19 -14.27
N LEU A 460 -7.77 -4.86 -13.10
CA LEU A 460 -6.94 -4.89 -11.89
C LEU A 460 -6.82 -6.29 -11.30
N PHE A 461 -7.88 -7.09 -11.31
CA PHE A 461 -7.74 -8.50 -10.95
C PHE A 461 -6.83 -9.23 -11.92
N CYS A 462 -6.81 -8.82 -13.18
CA CYS A 462 -5.81 -9.33 -14.10
C CYS A 462 -4.45 -8.71 -13.86
N PHE A 463 -4.41 -7.58 -13.14
CA PHE A 463 -3.11 -6.99 -12.84
C PHE A 463 -2.52 -7.53 -11.54
N VAL A 464 -3.34 -7.74 -10.53
CA VAL A 464 -2.79 -8.23 -9.26
C VAL A 464 -2.36 -9.69 -9.38
N CYS A 465 -3.18 -10.54 -9.99
CA CYS A 465 -2.83 -11.94 -10.10
C CYS A 465 -1.80 -12.20 -11.20
N TYR A 466 -1.70 -11.32 -12.19
CA TYR A 466 -0.92 -11.63 -13.37
C TYR A 466 -0.08 -10.49 -13.90
N GLY A 467 0.09 -9.40 -13.15
CA GLY A 467 0.93 -8.36 -13.70
C GLY A 467 2.41 -8.64 -13.61
N TYR A 468 2.85 -9.30 -12.55
CA TYR A 468 4.26 -9.62 -12.36
C TYR A 468 4.52 -11.10 -12.57
N ALA A 469 3.86 -11.70 -13.56
CA ALA A 469 4.20 -13.04 -13.95
C ALA A 469 5.55 -13.04 -14.66
N PRO A 470 6.35 -14.09 -14.46
CA PRO A 470 7.58 -14.21 -15.23
C PRO A 470 7.25 -14.45 -16.70
N ARG A 471 7.81 -13.62 -17.55
CA ARG A 471 7.40 -13.59 -18.94
C ARG A 471 8.02 -14.75 -19.72
N ALA A 472 7.88 -14.68 -21.05
CA ALA A 472 8.32 -15.76 -21.92
C ALA A 472 9.84 -15.92 -21.90
N ASP A 473 10.56 -14.84 -21.58
CA ASP A 473 11.99 -14.94 -21.41
C ASP A 473 12.39 -15.23 -19.97
N GLY A 474 11.41 -15.39 -19.08
CA GLY A 474 11.68 -15.52 -17.67
C GLY A 474 11.92 -14.21 -16.96
N THR A 475 12.02 -13.12 -17.68
CA THR A 475 12.22 -11.81 -17.09
C THR A 475 10.91 -11.31 -16.50
N ILE A 476 10.98 -10.74 -15.32
CA ILE A 476 9.79 -10.25 -14.63
C ILE A 476 9.63 -8.76 -14.90
N PRO A 477 8.54 -8.34 -15.54
CA PRO A 477 8.46 -6.97 -16.03
C PRO A 477 8.26 -5.97 -14.91
N ASP A 478 8.43 -4.68 -15.25
CA ASP A 478 8.36 -3.61 -14.28
C ASP A 478 7.38 -2.55 -14.74
N TRP A 479 6.33 -2.36 -13.96
CA TRP A 479 5.32 -1.35 -14.23
C TRP A 479 5.69 -0.10 -13.43
N ASN A 480 6.33 0.86 -14.09
CA ASN A 480 6.80 2.05 -13.36
C ASN A 480 6.19 3.33 -13.92
N ASN A 481 5.92 3.39 -15.21
CA ASN A 481 5.31 4.59 -15.77
C ASN A 481 3.82 4.64 -15.43
N LEU A 482 3.46 5.53 -14.51
CA LEU A 482 2.05 5.79 -14.22
C LEU A 482 1.31 6.35 -15.41
N GLY A 483 2.00 7.10 -16.27
CA GLY A 483 1.39 7.54 -17.51
C GLY A 483 1.11 6.42 -18.48
N SER A 484 1.90 5.36 -18.44
CA SER A 484 1.59 4.16 -19.21
C SER A 484 0.65 3.22 -18.46
N PHE A 485 0.51 3.40 -17.16
CA PHE A 485 -0.28 2.49 -16.33
C PHE A 485 -1.76 2.84 -16.34
N LEU A 486 -2.10 4.05 -15.90
CA LEU A 486 -3.50 4.42 -15.75
C LEU A 486 -4.19 4.55 -17.10
N ASP A 487 -3.46 4.92 -18.14
CA ASP A 487 -4.10 5.02 -19.45
C ASP A 487 -4.36 3.63 -20.02
N THR A 488 -3.57 2.63 -19.60
CA THR A 488 -3.90 1.27 -19.95
C THR A 488 -5.10 0.77 -19.15
N ILE A 489 -5.20 1.16 -17.88
CA ILE A 489 -6.32 0.71 -17.07
C ILE A 489 -7.59 1.46 -17.45
N LEU A 490 -7.59 2.78 -17.27
CA LEU A 490 -8.83 3.53 -17.24
C LEU A 490 -9.45 3.68 -18.63
N LYS A 491 -8.63 3.69 -19.67
CA LYS A 491 -9.12 3.81 -21.03
C LYS A 491 -8.97 2.48 -21.74
N GLY A 492 -10.08 2.01 -22.32
CA GLY A 492 -10.10 0.74 -22.99
C GLY A 492 -11.44 0.51 -23.66
N PRO A 493 -11.66 -0.66 -24.22
CA PRO A 493 -12.93 -0.93 -24.88
C PRO A 493 -14.03 -1.17 -23.86
N GLU A 494 -15.25 -0.81 -24.23
CA GLU A 494 -16.36 -1.07 -23.35
C GLU A 494 -16.77 -2.52 -23.40
N LEU A 495 -17.06 -3.08 -22.24
CA LEU A 495 -17.41 -4.48 -22.07
C LEU A 495 -18.74 -4.80 -22.73
N SER A 496 -18.88 -6.04 -23.17
CA SER A 496 -20.15 -6.49 -23.72
C SER A 496 -21.17 -6.69 -22.60
N GLU A 497 -22.44 -6.69 -22.99
CA GLU A 497 -23.54 -6.91 -22.07
C GLU A 497 -23.47 -8.29 -21.44
N ASP A 498 -23.14 -9.29 -22.25
CA ASP A 498 -23.09 -10.66 -21.78
C ASP A 498 -21.79 -10.95 -21.05
N GLU A 499 -20.69 -10.32 -21.50
CA GLU A 499 -19.43 -10.53 -20.80
C GLU A 499 -19.36 -9.69 -19.55
N ASP A 500 -20.29 -8.76 -19.36
CA ASP A 500 -20.42 -8.13 -18.06
C ASP A 500 -20.85 -9.13 -17.01
N GLU A 501 -21.84 -9.97 -17.35
CA GLU A 501 -22.32 -10.98 -16.41
C GLU A 501 -21.26 -12.03 -16.13
N ARG A 502 -20.51 -12.44 -17.16
CA ARG A 502 -19.47 -13.44 -16.97
C ARG A 502 -18.31 -12.90 -16.16
N ALA A 503 -17.98 -11.61 -16.32
CA ALA A 503 -16.86 -11.07 -15.57
C ALA A 503 -17.23 -10.78 -14.13
N TYR A 504 -18.42 -10.24 -13.89
CA TYR A 504 -18.82 -9.91 -12.54
C TYR A 504 -19.08 -11.14 -11.71
N ALA A 505 -19.46 -12.24 -12.36
CA ALA A 505 -19.54 -13.50 -11.65
C ALA A 505 -18.16 -13.98 -11.23
N THR A 506 -17.14 -13.69 -12.03
CA THR A 506 -15.78 -14.08 -11.66
C THR A 506 -15.21 -13.13 -10.60
N MET A 507 -15.61 -11.86 -10.63
CA MET A 507 -15.19 -10.92 -9.61
C MET A 507 -15.77 -11.27 -8.26
N PHE A 508 -17.09 -11.39 -8.18
CA PHE A 508 -17.78 -11.48 -6.90
C PHE A 508 -17.46 -12.78 -6.17
N GLU A 509 -17.12 -13.82 -6.91
CA GLU A 509 -16.85 -15.09 -6.26
C GLU A 509 -15.42 -15.11 -5.71
N MET A 510 -14.48 -14.45 -6.39
CA MET A 510 -13.13 -14.32 -5.85
C MET A 510 -13.10 -13.34 -4.69
N VAL A 511 -14.01 -12.36 -4.71
CA VAL A 511 -14.16 -11.45 -3.58
C VAL A 511 -14.59 -12.21 -2.34
N ARG A 512 -15.62 -13.04 -2.46
CA ARG A 512 -16.22 -13.68 -1.31
C ARG A 512 -15.29 -14.71 -0.67
N CYS A 513 -14.42 -15.33 -1.45
CA CYS A 513 -13.58 -16.39 -0.91
C CYS A 513 -12.37 -15.84 -0.16
N ILE A 514 -11.83 -14.71 -0.62
CA ILE A 514 -10.69 -14.12 0.08
C ILE A 514 -11.11 -13.56 1.43
N ILE A 515 -12.32 -12.99 1.48
CA ILE A 515 -12.86 -12.52 2.75
C ILE A 515 -13.11 -13.70 3.66
N THR A 516 -13.50 -14.84 3.09
CA THR A 516 -13.90 -15.98 3.89
C THR A 516 -12.71 -16.62 4.60
N LEU A 517 -11.60 -16.79 3.88
CA LEU A 517 -10.45 -17.47 4.47
C LEU A 517 -9.72 -16.59 5.49
N CYS A 518 -9.64 -15.28 5.24
CA CYS A 518 -8.96 -14.41 6.19
C CYS A 518 -9.85 -14.05 7.35
N TYR A 519 -11.14 -14.36 7.28
CA TYR A 519 -12.06 -14.02 8.36
C TYR A 519 -12.98 -15.16 8.75
N ALA A 520 -12.54 -16.39 8.60
CA ALA A 520 -13.28 -17.52 9.14
C ALA A 520 -13.08 -17.63 10.64
N GLU A 521 -13.62 -18.69 11.23
CA GLU A 521 -13.32 -19.03 12.61
C GLU A 521 -13.14 -20.54 12.68
N LYS A 522 -11.89 -20.99 12.57
CA LYS A 522 -11.62 -22.43 12.61
C LYS A 522 -11.53 -22.97 14.03
N VAL A 523 -11.71 -22.11 15.04
CA VAL A 523 -11.85 -22.60 16.40
C VAL A 523 -13.33 -22.69 16.74
N HIS A 524 -13.75 -23.82 17.31
CA HIS A 524 -15.16 -24.03 17.61
C HIS A 524 -15.34 -24.87 18.88
N PHE A 525 -16.60 -25.01 19.29
CA PHE A 525 -16.94 -25.98 20.31
C PHE A 525 -17.30 -27.31 19.69
N ALA A 526 -17.02 -28.38 20.42
CA ALA A 526 -17.29 -29.74 19.94
C ALA A 526 -18.79 -29.94 19.97
N GLY A 527 -19.39 -30.06 18.78
CA GLY A 527 -20.80 -30.32 18.66
C GLY A 527 -21.23 -31.74 18.97
N PHE A 528 -20.31 -32.62 19.29
CA PHE A 528 -20.62 -34.01 19.55
C PHE A 528 -19.54 -34.60 20.43
N ALA A 529 -19.72 -35.87 20.78
CA ALA A 529 -18.72 -36.68 21.46
C ALA A 529 -19.08 -38.13 21.25
N ALA A 530 -18.07 -38.97 21.05
CA ALA A 530 -18.26 -40.42 21.09
C ALA A 530 -17.15 -41.11 21.88
N PRO A 531 -17.23 -41.11 23.24
CA PRO A 531 -16.48 -42.09 24.04
C PRO A 531 -17.27 -43.37 24.33
N ALA A 532 -17.87 -43.94 23.29
CA ALA A 532 -18.84 -45.02 23.51
C ALA A 532 -18.20 -46.40 23.58
N CYS A 533 -16.89 -46.49 23.80
CA CYS A 533 -16.23 -47.78 23.72
C CYS A 533 -16.29 -48.53 25.05
N GLU A 534 -15.89 -49.80 25.01
CA GLU A 534 -15.94 -50.67 26.18
C GLU A 534 -14.84 -50.31 27.16
N SER A 535 -15.11 -50.46 28.44
CA SER A 535 -14.11 -50.10 29.44
C SER A 535 -12.97 -51.11 29.51
N GLY A 536 -13.25 -52.33 29.94
CA GLY A 536 -12.17 -53.27 30.20
C GLY A 536 -11.51 -53.87 28.98
N GLU A 537 -12.25 -54.00 27.88
CA GLU A 537 -11.71 -54.57 26.66
C GLU A 537 -10.81 -53.60 25.92
N VAL A 538 -10.88 -52.31 26.26
CA VAL A 538 -9.88 -51.35 25.80
C VAL A 538 -8.69 -51.31 26.75
N ILE A 539 -8.94 -51.31 28.06
CA ILE A 539 -7.88 -51.05 29.03
C ILE A 539 -6.97 -52.26 29.19
N ASN A 540 -7.55 -53.44 29.41
CA ASN A 540 -6.71 -54.62 29.59
C ASN A 540 -6.06 -55.05 28.29
N LEU A 541 -6.63 -54.65 27.15
CA LEU A 541 -5.90 -54.85 25.91
C LEU A 541 -4.71 -53.91 25.81
N ALA A 542 -4.92 -52.62 26.10
CA ALA A 542 -3.84 -51.65 25.98
C ALA A 542 -2.80 -51.84 27.07
N ALA A 543 -3.18 -52.38 28.22
CA ALA A 543 -2.19 -52.63 29.26
C ALA A 543 -1.32 -53.82 28.91
N ARG A 544 -1.86 -54.79 28.17
CA ARG A 544 -1.06 -55.90 27.70
C ARG A 544 -0.02 -55.45 26.69
N MET A 545 -0.41 -54.56 25.77
CA MET A 545 0.46 -54.09 24.70
C MET A 545 1.69 -53.39 25.26
N SER A 546 1.51 -52.61 26.32
CA SER A 546 2.65 -51.97 26.97
C SER A 546 3.53 -52.98 27.66
N GLN A 547 2.95 -54.06 28.18
CA GLN A 547 3.74 -55.05 28.90
C GLN A 547 4.56 -55.90 27.94
N MET A 548 4.09 -56.03 26.70
CA MET A 548 4.89 -56.70 25.70
C MET A 548 6.04 -55.83 25.23
N ARG A 549 5.78 -54.53 25.10
CA ARG A 549 6.76 -53.57 24.60
C ARG A 549 7.95 -53.41 25.55
N MET A 550 7.69 -53.45 26.86
CA MET A 550 8.78 -53.33 27.82
C MET A 550 9.63 -54.58 27.89
N GLU A 551 9.20 -55.68 27.26
CA GLU A 551 9.92 -56.93 27.42
C GLU A 551 11.04 -57.04 26.40
N TYR A 552 12.24 -57.34 26.91
CA TYR A 552 13.42 -57.54 26.08
C TYR A 552 13.64 -59.03 25.88
#